data_4E9F
#
_entry.id   4E9F
#
_cell.length_a   41.070
_cell.length_b   55.840
_cell.length_c   96.650
_cell.angle_alpha   90.00
_cell.angle_beta   90.00
_cell.angle_gamma   90.00
#
_symmetry.space_group_name_H-M   'P 21 21 21'
#
loop_
_entity.id
_entity.type
_entity.pdbx_description
1 polymer 'Methyl-CpG-binding domain protein 4'
2 polymer "DNA (5'-D(*CP*CP*AP*GP*CP*GP*(3DR)P*GP*CP*AP*GP*C)-3')"
3 polymer "DNA (5'-D(*GP*CP*TP*GP*CP*GP*CP*GP*CP*TP*GP*G)-3')"
4 non-polymer 1,2-ETHANEDIOL
5 water water
#
loop_
_entity_poly.entity_id
_entity_poly.type
_entity_poly.pdbx_seq_one_letter_code
_entity_poly.pdbx_strand_id
1 'polypeptide(L)'
;MLSPPRRKAFKKWTPPRSPFNLVQETLFHDPWKLLIATIFLNRTSGKMAIPVLWKFLEKYPSAEVARTADWRDVSELLKP
LGLYDLRAKTIVKFSDEYLTKQWKYPIELHGIGKYGNDSYRIFCVNEWKQVHPEDHKLNKYHDWLWENHEKLSLSHHHHH
H
;
A
2 'polydeoxyribonucleotide' (DC)(DC)(DA)(DG)(DC)(DG)(3DR)(DG)(DC)(DA)(DG)(DC) C
3 'polydeoxyribonucleotide' (DG)(DC)(DT)(DG)(DC)(DG)(DC)(DG)(DC)(DT)(DG)(DG) D
#
loop_
_chem_comp.id
_chem_comp.type
_chem_comp.name
_chem_comp.formula
3DR DNA linking 1',2'-DIDEOXYRIBOFURANOSE-5'-PHOSPHATE 'C5 H11 O6 P'
DA DNA linking 2'-DEOXYADENOSINE-5'-MONOPHOSPHATE 'C10 H14 N5 O6 P'
DC DNA linking 2'-DEOXYCYTIDINE-5'-MONOPHOSPHATE 'C9 H14 N3 O7 P'
DG DNA linking 2'-DEOXYGUANOSINE-5'-MONOPHOSPHATE 'C10 H14 N5 O7 P'
DT DNA linking THYMIDINE-5'-MONOPHOSPHATE 'C10 H15 N2 O8 P'
EDO non-polymer 1,2-ETHANEDIOL 'C2 H6 O2'
#
# COMPACT_ATOMS: atom_id res chain seq x y z
N LYS A 12 -20.36 2.29 -3.87
CA LYS A 12 -20.67 1.52 -2.67
C LYS A 12 -19.66 0.38 -2.32
N TRP A 13 -18.35 0.68 -2.09
CA TRP A 13 -17.69 1.98 -2.26
C TRP A 13 -16.76 1.85 -3.44
N THR A 14 -16.85 2.79 -4.38
CA THR A 14 -15.96 2.76 -5.53
C THR A 14 -15.25 4.10 -5.60
N PRO A 15 -13.99 4.21 -5.10
CA PRO A 15 -13.28 5.49 -5.19
C PRO A 15 -13.07 5.88 -6.66
N PRO A 16 -13.45 7.13 -7.04
CA PRO A 16 -13.33 7.54 -8.46
C PRO A 16 -11.90 7.70 -8.95
N ARG A 17 -11.70 7.59 -10.27
CA ARG A 17 -10.41 7.82 -10.90
C ARG A 17 -10.17 9.33 -10.86
N SER A 18 -8.93 9.74 -10.63
CA SER A 18 -8.66 11.17 -10.51
C SER A 18 -7.63 11.65 -11.53
N PRO A 19 -7.52 12.98 -11.77
CA PRO A 19 -6.44 13.45 -12.66
C PRO A 19 -5.04 13.20 -12.10
N PHE A 20 -4.94 12.79 -10.83
CA PHE A 20 -3.65 12.56 -10.19
C PHE A 20 -3.12 11.13 -10.40
N ASN A 21 -3.98 10.21 -10.84
CA ASN A 21 -3.67 8.81 -11.10
C ASN A 21 -2.81 8.17 -9.98
N LEU A 22 -3.30 8.23 -8.72
CA LEU A 22 -2.58 7.59 -7.61
C LEU A 22 -2.63 6.09 -7.91
N VAL A 23 -1.56 5.35 -7.56
CA VAL A 23 -1.55 3.91 -7.78
C VAL A 23 -2.69 3.21 -6.96
N GLN A 24 -3.13 3.81 -5.82
CA GLN A 24 -4.22 3.26 -5.00
C GLN A 24 -5.55 3.13 -5.80
N GLU A 25 -5.77 4.00 -6.81
CA GLU A 25 -6.98 4.00 -7.64
C GLU A 25 -7.13 2.69 -8.43
N THR A 26 -6.02 2.05 -8.77
CA THR A 26 -6.05 0.79 -9.55
C THR A 26 -6.01 -0.47 -8.67
N LEU A 27 -5.67 -0.31 -7.38
CA LEU A 27 -5.44 -1.50 -6.54
C LEU A 27 -6.44 -1.71 -5.44
N PHE A 28 -7.35 -0.77 -5.27
CA PHE A 28 -8.29 -0.79 -4.15
C PHE A 28 -9.14 -2.06 -3.97
N HIS A 29 -9.36 -2.86 -5.06
CA HIS A 29 -10.15 -4.11 -4.98
C HIS A 29 -9.41 -5.18 -4.14
N ASP A 30 -8.09 -5.06 -4.06
CA ASP A 30 -7.28 -5.99 -3.29
C ASP A 30 -6.53 -5.21 -2.20
N PRO A 31 -7.10 -5.07 -0.99
CA PRO A 31 -6.44 -4.27 0.05
C PRO A 31 -5.00 -4.65 0.33
N TRP A 32 -4.63 -5.96 0.25
CA TRP A 32 -3.22 -6.36 0.46
C TRP A 32 -2.33 -5.70 -0.60
N LYS A 33 -2.70 -5.76 -1.91
CA LYS A 33 -1.90 -5.10 -2.96
C LYS A 33 -1.78 -3.61 -2.73
N LEU A 34 -2.89 -2.95 -2.35
CA LEU A 34 -2.84 -1.51 -2.10
C LEU A 34 -1.86 -1.21 -0.99
N LEU A 35 -1.94 -1.98 0.12
CA LEU A 35 -1.05 -1.78 1.28
C LEU A 35 0.42 -2.08 0.95
N ILE A 36 0.68 -3.11 0.15
CA ILE A 36 2.06 -3.42 -0.31
C ILE A 36 2.57 -2.22 -1.12
N ALA A 37 1.71 -1.64 -1.97
CA ALA A 37 2.08 -0.45 -2.78
C ALA A 37 2.47 0.70 -1.86
N THR A 38 1.72 0.94 -0.76
CA THR A 38 2.13 1.98 0.20
C THR A 38 3.53 1.72 0.76
N ILE A 39 3.83 0.46 1.12
CA ILE A 39 5.13 0.09 1.65
C ILE A 39 6.25 0.39 0.62
N PHE A 40 5.99 0.06 -0.65
CA PHE A 40 6.94 0.34 -1.77
C PHE A 40 7.24 1.82 -1.92
N LEU A 41 6.27 2.67 -1.55
CA LEU A 41 6.40 4.12 -1.61
C LEU A 41 7.05 4.77 -0.40
N ASN A 42 7.32 4.02 0.70
CA ASN A 42 7.98 4.59 1.89
C ASN A 42 9.32 5.21 1.48
N ARG A 43 9.47 6.56 1.55
CA ARG A 43 10.75 7.25 1.25
C ARG A 43 11.37 6.84 -0.10
N THR A 44 10.49 6.58 -1.08
CA THR A 44 10.87 6.11 -2.42
C THR A 44 9.91 6.78 -3.41
N SER A 45 10.47 7.34 -4.49
CA SER A 45 9.66 7.99 -5.52
C SER A 45 8.90 6.91 -6.25
N GLY A 46 7.66 7.23 -6.64
CA GLY A 46 6.77 6.34 -7.37
C GLY A 46 7.27 5.96 -8.74
N LYS A 47 7.99 6.90 -9.41
CA LYS A 47 8.55 6.67 -10.73
C LYS A 47 9.45 5.43 -10.67
N MET A 48 10.18 5.23 -9.56
CA MET A 48 11.05 4.07 -9.40
C MET A 48 10.38 2.87 -8.73
N ALA A 49 9.58 3.13 -7.67
CA ALA A 49 8.89 2.05 -6.93
C ALA A 49 7.84 1.28 -7.74
N ILE A 50 6.97 1.98 -8.49
CA ILE A 50 5.86 1.29 -9.17
C ILE A 50 6.29 0.20 -10.20
N PRO A 51 7.26 0.47 -11.13
CA PRO A 51 7.72 -0.61 -12.03
C PRO A 51 8.21 -1.82 -11.22
N VAL A 52 8.95 -1.58 -10.11
CA VAL A 52 9.42 -2.70 -9.25
C VAL A 52 8.22 -3.38 -8.57
N LEU A 53 7.17 -2.63 -8.16
CA LEU A 53 5.96 -3.25 -7.58
C LEU A 53 5.36 -4.31 -8.52
N TRP A 54 5.26 -4.01 -9.84
CA TRP A 54 4.69 -5.00 -10.76
C TRP A 54 5.56 -6.26 -10.81
N LYS A 55 6.91 -6.09 -10.78
CA LYS A 55 7.85 -7.24 -10.74
C LYS A 55 7.60 -8.10 -9.48
N PHE A 56 7.46 -7.40 -8.34
CA PHE A 56 7.15 -8.05 -7.06
C PHE A 56 5.84 -8.83 -7.10
N LEU A 57 4.75 -8.22 -7.60
CA LEU A 57 3.42 -8.85 -7.63
C LEU A 57 3.33 -10.08 -8.55
N GLU A 58 4.15 -10.12 -9.60
CA GLU A 58 4.23 -11.27 -10.52
C GLU A 58 4.80 -12.47 -9.72
N LYS A 59 5.91 -12.24 -8.98
CA LYS A 59 6.61 -13.26 -8.18
C LYS A 59 5.88 -13.63 -6.88
N TYR A 60 5.25 -12.63 -6.22
CA TYR A 60 4.50 -12.82 -4.97
C TYR A 60 3.07 -12.26 -5.17
N PRO A 61 2.17 -13.04 -5.82
CA PRO A 61 0.81 -12.52 -6.13
C PRO A 61 -0.17 -12.33 -5.00
N SER A 62 0.14 -12.86 -3.79
CA SER A 62 -0.78 -12.80 -2.67
C SER A 62 -0.07 -12.78 -1.34
N ALA A 63 -0.83 -12.48 -0.26
CA ALA A 63 -0.32 -12.49 1.11
C ALA A 63 0.08 -13.94 1.49
N GLU A 64 -0.70 -14.94 1.00
CA GLU A 64 -0.46 -16.39 1.19
C GLU A 64 0.94 -16.81 0.72
N VAL A 65 1.42 -16.30 -0.43
CA VAL A 65 2.75 -16.60 -0.95
C VAL A 65 3.79 -15.75 -0.23
N ALA A 66 3.52 -14.44 -0.11
CA ALA A 66 4.47 -13.51 0.52
C ALA A 66 4.90 -13.92 1.92
N ARG A 67 3.96 -14.33 2.78
CA ARG A 67 4.23 -14.74 4.17
C ARG A 67 5.16 -15.97 4.31
N THR A 68 5.31 -16.75 3.22
CA THR A 68 6.16 -17.96 3.15
C THR A 68 7.52 -17.64 2.52
N ALA A 69 7.69 -16.42 2.01
CA ALA A 69 8.94 -16.03 1.37
C ALA A 69 10.09 -15.85 2.36
N ASP A 70 11.32 -15.99 1.84
CA ASP A 70 12.53 -15.73 2.60
C ASP A 70 12.79 -14.27 2.30
N TRP A 71 12.82 -13.43 3.35
CA TRP A 71 13.05 -12.00 3.17
C TRP A 71 14.32 -11.69 2.35
N ARG A 72 15.40 -12.52 2.46
CA ARG A 72 16.64 -12.29 1.70
C ARG A 72 16.39 -12.35 0.18
N ASP A 73 15.45 -13.21 -0.27
CA ASP A 73 15.13 -13.26 -1.69
C ASP A 73 14.31 -12.04 -2.10
N VAL A 74 13.36 -11.61 -1.23
CA VAL A 74 12.54 -10.41 -1.47
C VAL A 74 13.46 -9.18 -1.57
N SER A 75 14.45 -9.10 -0.65
CA SER A 75 15.45 -8.02 -0.63
C SER A 75 16.20 -7.85 -1.98
N GLU A 76 16.47 -8.96 -2.71
CA GLU A 76 17.22 -8.86 -3.98
C GLU A 76 16.50 -8.03 -5.04
N LEU A 77 15.19 -8.21 -5.12
CA LEU A 77 14.23 -7.51 -5.98
C LEU A 77 14.15 -6.02 -5.56
N LEU A 78 14.21 -5.75 -4.23
CA LEU A 78 14.08 -4.39 -3.71
C LEU A 78 15.34 -3.55 -3.75
N LYS A 79 16.49 -4.18 -4.08
CA LYS A 79 17.79 -3.53 -4.11
C LYS A 79 17.88 -2.13 -4.72
N PRO A 80 17.40 -1.89 -5.97
CA PRO A 80 17.53 -0.54 -6.55
C PRO A 80 16.67 0.54 -5.89
N LEU A 81 15.70 0.17 -5.03
CA LEU A 81 14.83 1.14 -4.33
C LEU A 81 15.38 1.63 -2.99
N GLY A 82 16.40 0.94 -2.46
CA GLY A 82 16.93 1.23 -1.14
C GLY A 82 15.98 0.65 -0.09
N LEU A 83 16.36 0.72 1.21
CA LEU A 83 15.56 0.19 2.34
C LEU A 83 15.07 -1.26 1.98
N TYR A 84 15.97 -2.05 1.38
CA TYR A 84 15.69 -3.36 0.83
C TYR A 84 15.59 -4.48 1.85
N ASP A 85 16.41 -4.44 2.92
CA ASP A 85 16.36 -5.51 3.93
C ASP A 85 15.20 -5.19 4.84
N LEU A 86 15.10 -3.93 5.24
CA LEU A 86 14.03 -3.44 6.11
C LEU A 86 12.66 -3.78 5.53
N ARG A 87 12.41 -3.36 4.28
CA ARG A 87 11.09 -3.62 3.68
C ARG A 87 10.86 -5.04 3.31
N ALA A 88 11.91 -5.82 3.02
CA ALA A 88 11.68 -7.23 2.72
C ALA A 88 11.17 -7.94 3.98
N LYS A 89 11.79 -7.68 5.14
CA LYS A 89 11.37 -8.25 6.43
C LYS A 89 9.95 -7.74 6.73
N THR A 90 9.68 -6.45 6.45
CA THR A 90 8.35 -5.87 6.69
C THR A 90 7.26 -6.60 5.89
N ILE A 91 7.51 -6.80 4.59
CA ILE A 91 6.57 -7.41 3.66
C ILE A 91 6.17 -8.80 4.10
N VAL A 92 7.14 -9.61 4.52
CA VAL A 92 6.86 -10.96 4.99
C VAL A 92 6.01 -10.93 6.27
N LYS A 93 6.42 -10.15 7.27
CA LYS A 93 5.67 -10.03 8.54
C LYS A 93 4.27 -9.42 8.37
N PHE A 94 4.17 -8.34 7.64
CA PHE A 94 2.88 -7.71 7.34
C PHE A 94 1.92 -8.73 6.67
N SER A 95 2.38 -9.45 5.65
CA SER A 95 1.54 -10.39 4.90
C SER A 95 1.05 -11.50 5.84
N ASP A 96 1.91 -11.93 6.77
CA ASP A 96 1.55 -12.93 7.79
C ASP A 96 0.41 -12.38 8.67
N GLU A 97 0.58 -11.16 9.23
CA GLU A 97 -0.42 -10.50 10.07
C GLU A 97 -1.73 -10.18 9.33
N TYR A 98 -1.61 -9.75 8.07
CA TYR A 98 -2.79 -9.43 7.26
C TYR A 98 -3.79 -10.61 7.26
N LEU A 99 -3.27 -11.84 7.14
CA LEU A 99 -4.07 -13.04 7.03
C LEU A 99 -4.42 -13.71 8.34
N THR A 100 -3.52 -13.64 9.34
CA THR A 100 -3.62 -14.38 10.60
C THR A 100 -4.10 -13.58 11.79
N LYS A 101 -3.88 -12.24 11.77
CA LYS A 101 -4.32 -11.38 12.85
C LYS A 101 -5.72 -10.87 12.58
N GLN A 102 -6.52 -10.64 13.64
CA GLN A 102 -7.82 -10.02 13.44
C GLN A 102 -7.60 -8.50 13.49
N TRP A 103 -8.03 -7.79 12.44
CA TRP A 103 -7.83 -6.35 12.32
C TRP A 103 -9.01 -5.73 11.66
N LYS A 104 -9.31 -4.48 12.02
CA LYS A 104 -10.36 -3.67 11.40
C LYS A 104 -9.70 -2.61 10.49
N TYR A 105 -8.60 -2.00 10.98
CA TYR A 105 -7.81 -1.02 10.21
C TYR A 105 -6.39 -1.52 10.06
N PRO A 106 -5.77 -1.38 8.86
CA PRO A 106 -4.42 -1.96 8.68
C PRO A 106 -3.29 -1.36 9.51
N ILE A 107 -3.50 -0.17 10.11
CA ILE A 107 -2.55 0.43 11.04
C ILE A 107 -2.20 -0.55 12.19
N GLU A 108 -3.12 -1.48 12.49
CA GLU A 108 -2.93 -2.50 13.53
C GLU A 108 -1.87 -3.51 13.15
N LEU A 109 -1.50 -3.54 11.87
CA LEU A 109 -0.56 -4.50 11.29
C LEU A 109 0.83 -3.91 11.19
N HIS A 110 1.84 -4.75 11.39
CA HIS A 110 3.25 -4.36 11.34
C HIS A 110 3.59 -3.85 9.95
N GLY A 111 4.23 -2.67 9.88
CA GLY A 111 4.66 -2.10 8.60
C GLY A 111 3.68 -1.13 7.97
N ILE A 112 2.47 -1.03 8.53
CA ILE A 112 1.47 -0.03 8.07
C ILE A 112 1.30 1.05 9.16
N GLY A 113 1.53 2.31 8.79
CA GLY A 113 1.35 3.44 9.70
C GLY A 113 0.25 4.34 9.21
N LYS A 114 0.33 5.63 9.55
CA LYS A 114 -0.69 6.60 9.10
C LYS A 114 -0.92 6.65 7.60
N TYR A 115 0.15 6.63 6.78
CA TYR A 115 0.00 6.75 5.31
C TYR A 115 -0.80 5.56 4.71
N GLY A 116 -0.39 4.35 5.02
CA GLY A 116 -1.10 3.15 4.55
C GLY A 116 -2.52 3.11 5.08
N ASN A 117 -2.70 3.49 6.37
CA ASN A 117 -4.03 3.51 6.97
C ASN A 117 -4.95 4.55 6.33
N ASP A 118 -4.45 5.80 6.09
CA ASP A 118 -5.23 6.86 5.42
C ASP A 118 -5.59 6.38 3.99
N SER A 119 -4.66 5.67 3.33
CA SER A 119 -4.91 5.13 1.99
C SER A 119 -6.08 4.13 1.99
N TYR A 120 -6.04 3.20 2.94
CA TYR A 120 -7.05 2.17 3.12
C TYR A 120 -8.42 2.81 3.39
N ARG A 121 -8.45 3.81 4.28
CA ARG A 121 -9.72 4.48 4.69
C ARG A 121 -10.34 5.35 3.60
N ILE A 122 -9.54 5.78 2.60
CA ILE A 122 -10.06 6.55 1.48
C ILE A 122 -10.51 5.59 0.34
N PHE A 123 -9.70 4.55 0.06
CA PHE A 123 -9.92 3.68 -1.09
C PHE A 123 -10.62 2.35 -0.87
N CYS A 124 -10.34 1.66 0.25
CA CYS A 124 -10.88 0.31 0.51
C CYS A 124 -12.20 0.29 1.26
N VAL A 125 -12.48 1.34 2.01
CA VAL A 125 -13.72 1.55 2.79
C VAL A 125 -14.21 2.99 2.53
N ASN A 126 -15.50 3.26 2.77
CA ASN A 126 -16.08 4.58 2.51
C ASN A 126 -15.88 5.55 3.69
N GLU A 127 -14.61 5.80 4.08
CA GLU A 127 -14.34 6.70 5.22
C GLU A 127 -13.55 7.96 4.89
N TRP A 128 -13.44 8.29 3.60
CA TRP A 128 -12.66 9.43 3.11
C TRP A 128 -12.95 10.76 3.81
N LYS A 129 -14.24 10.98 4.21
CA LYS A 129 -14.62 12.22 4.88
C LYS A 129 -13.98 12.41 6.24
N GLN A 130 -13.61 11.29 6.89
CA GLN A 130 -12.99 11.22 8.24
C GLN A 130 -11.47 11.26 8.23
N VAL A 131 -10.87 11.17 7.06
CA VAL A 131 -9.41 11.11 6.90
C VAL A 131 -8.77 12.49 6.75
N HIS A 132 -7.59 12.71 7.40
CA HIS A 132 -6.82 13.95 7.29
C HIS A 132 -5.40 13.57 6.91
N PRO A 133 -5.14 13.35 5.61
CA PRO A 133 -3.81 12.90 5.20
C PRO A 133 -2.69 13.93 5.39
N GLU A 134 -1.47 13.44 5.59
CA GLU A 134 -0.29 14.30 5.70
C GLU A 134 0.52 14.15 4.41
N ASP A 135 0.26 13.09 3.65
CA ASP A 135 0.95 12.79 2.40
C ASP A 135 0.44 13.70 1.30
N HIS A 136 1.37 14.25 0.50
CA HIS A 136 1.08 15.18 -0.60
C HIS A 136 0.09 14.67 -1.63
N LYS A 137 0.36 13.51 -2.29
CA LYS A 137 -0.54 12.99 -3.33
C LYS A 137 -1.93 12.63 -2.76
N LEU A 138 -1.95 12.02 -1.57
CA LEU A 138 -3.19 11.66 -0.88
C LEU A 138 -3.99 12.92 -0.56
N ASN A 139 -3.29 14.01 -0.15
CA ASN A 139 -3.93 15.30 0.07
C ASN A 139 -4.50 15.89 -1.22
N LYS A 140 -3.81 15.73 -2.36
CA LYS A 140 -4.29 16.20 -3.68
C LYS A 140 -5.58 15.47 -4.01
N TYR A 141 -5.56 14.11 -3.88
CA TYR A 141 -6.73 13.28 -4.14
C TYR A 141 -7.87 13.61 -3.16
N HIS A 142 -7.56 13.70 -1.86
CA HIS A 142 -8.55 13.94 -0.82
C HIS A 142 -9.21 15.32 -0.97
N ASP A 143 -8.40 16.38 -1.29
CA ASP A 143 -8.92 17.75 -1.47
C ASP A 143 -9.90 17.75 -2.64
N TRP A 144 -9.55 17.05 -3.73
CA TRP A 144 -10.29 16.89 -4.97
C TRP A 144 -11.64 16.19 -4.74
N LEU A 145 -11.67 15.21 -3.83
CA LEU A 145 -12.88 14.47 -3.45
C LEU A 145 -13.88 15.42 -2.79
N TRP A 146 -13.41 16.23 -1.82
CA TRP A 146 -14.26 17.20 -1.11
C TRP A 146 -14.83 18.25 -2.04
N GLU A 147 -14.03 18.74 -3.00
CA GLU A 147 -14.46 19.73 -4.00
C GLU A 147 -15.48 19.16 -4.97
N ASN A 148 -15.26 17.91 -5.41
CA ASN A 148 -16.14 17.25 -6.37
C ASN A 148 -17.20 16.36 -5.72
N HIS A 149 -17.54 16.66 -4.43
CA HIS A 149 -18.55 16.07 -3.52
C HIS A 149 -18.02 15.67 -2.16
O5' 3DR B 7 6.10 10.47 -3.21
P 3DR B 7 7.11 10.81 -4.32
OP1 3DR B 7 6.90 9.95 -5.57
OP2 3DR B 7 6.90 12.29 -4.85
C2' 3DR B 7 4.52 7.94 0.19
C5' 3DR B 7 6.38 9.59 -2.27
C4' 3DR B 7 5.29 9.40 -1.33
O4' 3DR B 7 4.44 8.55 -2.01
C1' 3DR B 7 3.64 8.09 -1.00
C3' 3DR B 7 5.67 8.68 -0.10
O3' 3DR B 7 5.88 9.55 1.00
C1 EDO D . 17.00 11.76 3.48
O1 EDO D . 17.15 10.64 2.69
C2 EDO D . 15.75 12.56 3.32
O2 EDO D . 14.75 12.05 2.52
#